data_3WUT
#
_entry.id   3WUT
#
_cell.length_a   53.913
_cell.length_b   102.622
_cell.length_c   132.535
_cell.angle_alpha   90.00
_cell.angle_beta   90.00
_cell.angle_gamma   90.00
#
_symmetry.space_group_name_H-M   'P 2 21 21'
#
loop_
_entity.id
_entity.type
_entity.pdbx_description
1 polymer 'Centrosomal protein of 55 kDa'
2 polymer 'Inactive serine/threonine-protein kinase TEX14'
3 non-polymer GLYCEROL
4 water water
#
loop_
_entity_poly.entity_id
_entity_poly.type
_entity_poly.pdbx_seq_one_letter_code
_entity_poly.pdbx_strand_id
1 'polypeptide(L)' GAMGSFNSSINNIHEMEIQLKDALEKNQQWLVYDQQREVYVKGLLAKIFELEKKTETAAHSLP A,B,D,E,G,H,J,K
2 'polypeptide(L)' DLAVGPPSLNYIPP C,F,I,L
#
loop_
_chem_comp.id
_chem_comp.type
_chem_comp.name
_chem_comp.formula
GOL non-polymer GLYCEROL 'C3 H8 O3'
#
# COMPACT_ATOMS: atom_id res chain seq x y z
N SER A 5 36.95 36.53 2.40
CA SER A 5 36.20 37.60 3.06
C SER A 5 34.89 37.06 3.63
N PHE A 6 34.01 37.98 4.02
CA PHE A 6 32.72 37.63 4.61
C PHE A 6 31.64 37.45 3.54
N ASN A 7 31.98 37.75 2.28
CA ASN A 7 31.05 37.59 1.16
C ASN A 7 30.60 36.15 1.04
N SER A 8 31.56 35.23 1.21
CA SER A 8 31.32 33.80 1.12
C SER A 8 30.31 33.33 2.17
N SER A 9 30.38 33.90 3.37
CA SER A 9 29.49 33.50 4.46
C SER A 9 28.05 33.98 4.24
N ILE A 10 27.91 35.18 3.70
CA ILE A 10 26.59 35.75 3.41
C ILE A 10 25.94 34.99 2.26
N ASN A 11 26.69 34.83 1.17
CA ASN A 11 26.24 34.06 0.01
C ASN A 11 25.75 32.66 0.37
N ASN A 12 26.44 31.99 1.29
CA ASN A 12 26.06 30.66 1.72
C ASN A 12 24.69 30.62 2.40
N ILE A 13 24.37 31.68 3.15
CA ILE A 13 23.06 31.77 3.81
C ILE A 13 21.94 32.04 2.80
N HIS A 14 22.20 32.85 1.78
CA HIS A 14 21.28 32.99 0.66
C HIS A 14 21.14 31.62 -0.02
N GLU A 15 22.26 31.01 -0.38
CA GLU A 15 22.30 29.71 -1.04
C GLU A 15 21.54 28.63 -0.25
N MET A 16 21.73 28.63 1.07
CA MET A 16 21.02 27.68 1.93
C MET A 16 19.51 27.94 1.96
N GLU A 17 19.12 29.20 1.88
CA GLU A 17 17.71 29.55 1.82
C GLU A 17 17.14 29.17 0.47
N ILE A 18 17.93 29.39 -0.59
CA ILE A 18 17.56 28.99 -1.94
C ILE A 18 17.20 27.51 -1.98
N GLN A 19 18.07 26.70 -1.39
CA GLN A 19 17.91 25.25 -1.42
C GLN A 19 16.65 24.79 -0.70
N LEU A 20 16.36 25.37 0.46
CA LEU A 20 15.21 24.93 1.23
C LEU A 20 13.89 25.21 0.50
N LYS A 21 13.76 26.41 -0.07
CA LYS A 21 12.55 26.74 -0.81
C LYS A 21 12.43 25.93 -2.10
N ASP A 22 13.58 25.50 -2.63
CA ASP A 22 13.63 24.64 -3.80
C ASP A 22 13.27 23.20 -3.42
N ALA A 23 13.73 22.76 -2.26
CA ALA A 23 13.47 21.41 -1.77
C ALA A 23 12.01 21.24 -1.31
N LEU A 24 11.50 22.24 -0.61
CA LEU A 24 10.13 22.22 -0.11
C LEU A 24 9.10 22.11 -1.21
N GLU A 25 9.23 22.95 -2.22
CA GLU A 25 8.26 22.95 -3.30
C GLU A 25 8.54 21.83 -4.31
N LYS A 26 9.68 21.15 -4.15
CA LYS A 26 9.96 19.97 -4.94
C LYS A 26 9.14 18.79 -4.44
N ASN A 27 9.03 18.68 -3.11
CA ASN A 27 8.21 17.65 -2.49
C ASN A 27 6.74 17.90 -2.77
N GLN A 28 6.39 19.17 -2.89
CA GLN A 28 5.02 19.58 -3.20
C GLN A 28 4.72 19.20 -4.64
N GLN A 29 5.74 19.29 -5.49
CA GLN A 29 5.63 18.85 -6.86
C GLN A 29 5.45 17.34 -6.94
N TRP A 30 6.12 16.63 -6.04
CA TRP A 30 5.99 15.19 -5.94
C TRP A 30 4.56 14.77 -5.65
N LEU A 31 3.90 15.49 -4.74
CA LEU A 31 2.53 15.18 -4.36
C LEU A 31 1.60 15.21 -5.56
N VAL A 32 1.66 16.32 -6.30
CA VAL A 32 0.85 16.50 -7.51
C VAL A 32 1.17 15.42 -8.55
N TYR A 33 2.46 15.25 -8.84
CA TYR A 33 2.95 14.23 -9.76
C TYR A 33 2.38 12.84 -9.42
N ASP A 34 2.46 12.47 -8.15
CA ASP A 34 2.06 11.13 -7.73
C ASP A 34 0.55 10.95 -7.75
N GLN A 35 -0.17 12.03 -7.47
CA GLN A 35 -1.63 12.00 -7.53
C GLN A 35 -2.08 11.69 -8.95
N GLN A 36 -1.39 12.27 -9.93
CA GLN A 36 -1.69 12.00 -11.32
C GLN A 36 -1.33 10.57 -11.73
N ARG A 37 -0.27 10.02 -11.13
CA ARG A 37 0.10 8.64 -11.40
C ARG A 37 -0.99 7.69 -10.90
N GLU A 38 -1.54 7.98 -9.73
CA GLU A 38 -2.62 7.18 -9.18
C GLU A 38 -3.80 7.14 -10.14
N VAL A 39 -4.13 8.29 -10.72
CA VAL A 39 -5.22 8.37 -11.69
C VAL A 39 -4.91 7.48 -12.88
N TYR A 40 -3.68 7.56 -13.37
CA TYR A 40 -3.30 6.79 -14.54
C TYR A 40 -3.35 5.30 -14.21
N VAL A 41 -2.90 4.98 -13.01
CA VAL A 41 -2.77 3.61 -12.57
C VAL A 41 -4.13 2.91 -12.33
N LYS A 42 -5.10 3.63 -11.76
CA LYS A 42 -6.45 3.10 -11.59
C LYS A 42 -7.12 2.93 -12.95
N GLY A 43 -6.73 3.75 -13.93
CA GLY A 43 -7.24 3.61 -15.27
C GLY A 43 -6.73 2.31 -15.89
N LEU A 44 -5.42 2.11 -15.81
CA LEU A 44 -4.81 0.86 -16.28
C LEU A 44 -5.43 -0.39 -15.65
N LEU A 45 -5.75 -0.34 -14.35
CA LEU A 45 -6.39 -1.46 -13.66
C LEU A 45 -7.80 -1.74 -14.17
N ALA A 46 -8.51 -0.67 -14.53
CA ALA A 46 -9.83 -0.79 -15.15
C ALA A 46 -9.72 -1.39 -16.54
N LYS A 47 -8.63 -1.07 -17.23
CA LYS A 47 -8.39 -1.54 -18.59
C LYS A 47 -8.00 -3.01 -18.57
N ILE A 48 -7.18 -3.39 -17.60
CA ILE A 48 -6.82 -4.79 -17.41
C ILE A 48 -8.05 -5.63 -17.10
N PHE A 49 -8.92 -5.13 -16.22
CA PHE A 49 -10.13 -5.83 -15.84
C PHE A 49 -11.04 -6.12 -17.03
N GLU A 50 -11.09 -5.19 -17.99
CA GLU A 50 -11.90 -5.36 -19.20
C GLU A 50 -11.22 -6.25 -20.23
N LEU A 51 -9.90 -6.24 -20.25
CA LEU A 51 -9.16 -7.10 -21.16
C LEU A 51 -9.21 -8.54 -20.69
N GLU A 52 -9.13 -8.74 -19.39
CA GLU A 52 -9.21 -10.08 -18.81
C GLU A 52 -10.60 -10.63 -19.05
N LYS A 53 -11.61 -9.78 -18.91
CA LYS A 53 -12.97 -10.14 -19.18
C LYS A 53 -13.15 -10.50 -20.65
N LYS A 54 -12.42 -9.81 -21.52
CA LYS A 54 -12.56 -10.03 -22.95
C LYS A 54 -11.86 -11.31 -23.39
N THR A 55 -10.73 -11.62 -22.76
CA THR A 55 -9.97 -12.81 -23.10
C THR A 55 -10.57 -14.08 -22.48
N GLU A 56 -11.56 -13.90 -21.60
CA GLU A 56 -12.26 -15.04 -21.02
C GLU A 56 -13.37 -15.54 -21.93
N THR A 57 -14.02 -14.62 -22.64
CA THR A 57 -15.11 -14.99 -23.54
C THR A 57 -14.57 -15.49 -24.88
N HIS B 14 20.81 25.93 14.34
CA HIS B 14 19.99 26.75 13.46
C HIS B 14 18.80 25.92 12.97
N GLU B 15 17.60 26.49 13.10
CA GLU B 15 16.36 25.76 12.79
C GLU B 15 16.10 25.56 11.30
N MET B 16 16.56 26.51 10.48
CA MET B 16 16.42 26.42 9.04
C MET B 16 17.35 25.34 8.49
N GLU B 17 18.49 25.16 9.16
CA GLU B 17 19.44 24.11 8.82
C GLU B 17 18.80 22.73 8.98
N ILE B 18 18.02 22.58 10.05
CA ILE B 18 17.37 21.30 10.37
C ILE B 18 16.32 20.90 9.36
N GLN B 19 15.35 21.78 9.14
CA GLN B 19 14.25 21.47 8.23
C GLN B 19 14.70 21.34 6.76
N LEU B 20 15.89 21.86 6.45
CA LEU B 20 16.49 21.62 5.14
C LEU B 20 16.86 20.17 5.03
N LYS B 21 17.33 19.60 6.14
CA LYS B 21 17.67 18.18 6.15
C LYS B 21 16.43 17.30 6.09
N ASP B 22 15.36 17.67 6.81
CA ASP B 22 14.11 16.92 6.75
C ASP B 22 13.44 16.99 5.38
N ALA B 23 13.53 18.16 4.75
CA ALA B 23 13.03 18.33 3.40
C ALA B 23 13.77 17.36 2.49
N LEU B 24 15.09 17.31 2.62
CA LEU B 24 15.91 16.44 1.78
C LEU B 24 15.71 14.96 2.11
N GLU B 25 15.32 14.67 3.35
CA GLU B 25 15.05 13.31 3.76
C GLU B 25 13.80 12.78 3.10
N LYS B 26 12.72 13.54 3.19
CA LYS B 26 11.46 13.17 2.57
C LYS B 26 11.69 13.11 1.09
N ASN B 27 12.38 14.12 0.58
CA ASN B 27 12.75 14.12 -0.83
C ASN B 27 13.42 12.81 -1.24
N GLN B 28 14.22 12.21 -0.36
CA GLN B 28 14.81 10.91 -0.69
C GLN B 28 13.79 9.77 -0.62
N GLN B 29 12.82 9.91 0.28
CA GLN B 29 11.78 8.91 0.44
C GLN B 29 10.81 8.89 -0.73
N TRP B 30 10.53 10.07 -1.31
CA TRP B 30 9.74 10.15 -2.53
C TRP B 30 10.48 9.44 -3.63
N LEU B 31 11.79 9.67 -3.69
CA LEU B 31 12.61 9.17 -4.77
C LEU B 31 12.59 7.64 -4.87
N VAL B 32 12.70 6.98 -3.73
CA VAL B 32 12.74 5.54 -3.70
C VAL B 32 11.34 4.98 -3.92
N TYR B 33 10.36 5.65 -3.32
CA TYR B 33 8.96 5.32 -3.52
C TYR B 33 8.60 5.43 -5.00
N ASP B 34 9.11 6.47 -5.65
CA ASP B 34 8.88 6.72 -7.07
C ASP B 34 9.44 5.60 -7.94
N GLN B 35 10.61 5.09 -7.58
CA GLN B 35 11.24 3.99 -8.30
C GLN B 35 10.38 2.74 -8.23
N GLN B 36 9.87 2.45 -7.04
CA GLN B 36 8.96 1.34 -6.84
C GLN B 36 7.70 1.52 -7.67
N ARG B 37 7.11 2.72 -7.65
CA ARG B 37 5.87 2.96 -8.40
C ARG B 37 6.05 2.83 -9.92
N GLU B 38 7.18 3.29 -10.43
CA GLU B 38 7.47 3.21 -11.86
C GLU B 38 7.61 1.75 -12.32
N VAL B 39 8.25 0.92 -11.49
CA VAL B 39 8.32 -0.52 -11.75
C VAL B 39 6.91 -1.10 -11.81
N TYR B 40 6.05 -0.64 -10.90
CA TYR B 40 4.66 -1.08 -10.83
C TYR B 40 3.85 -0.66 -12.06
N VAL B 41 4.01 0.59 -12.50
CA VAL B 41 3.34 1.07 -13.70
C VAL B 41 3.78 0.27 -14.92
N LYS B 42 5.08 0.02 -15.04
CA LYS B 42 5.60 -0.77 -16.16
C LYS B 42 5.07 -2.20 -16.16
N GLY B 43 4.89 -2.76 -14.98
CA GLY B 43 4.32 -4.09 -14.83
C GLY B 43 2.90 -4.15 -15.34
N LEU B 44 2.10 -3.13 -15.05
CA LEU B 44 0.72 -3.09 -15.53
C LEU B 44 0.66 -2.97 -17.04
N LEU B 45 1.52 -2.12 -17.59
CA LEU B 45 1.63 -1.94 -19.04
C LEU B 45 2.08 -3.21 -19.75
N ALA B 46 3.01 -3.96 -19.14
CA ALA B 46 3.46 -5.24 -19.69
C ALA B 46 2.31 -6.25 -19.70
N LYS B 47 1.53 -6.27 -18.62
CA LYS B 47 0.37 -7.14 -18.54
C LYS B 47 -0.67 -6.78 -19.60
N ILE B 48 -0.91 -5.49 -19.80
CA ILE B 48 -1.85 -5.04 -20.83
C ILE B 48 -1.38 -5.47 -22.21
N PHE B 49 -0.09 -5.28 -22.47
CA PHE B 49 0.53 -5.70 -23.71
C PHE B 49 0.28 -7.19 -23.98
N GLU B 50 0.53 -8.02 -22.96
CA GLU B 50 0.34 -9.46 -23.07
C GLU B 50 -1.12 -9.79 -23.32
N LEU B 51 -2.02 -9.12 -22.60
CA LEU B 51 -3.46 -9.32 -22.79
C LEU B 51 -3.96 -8.92 -24.17
N GLU B 52 -3.43 -7.82 -24.71
CA GLU B 52 -3.87 -7.34 -26.02
C GLU B 52 -3.30 -8.23 -27.11
N LYS B 53 -2.16 -8.85 -26.81
CA LYS B 53 -1.52 -9.78 -27.71
C LYS B 53 -2.36 -11.05 -27.81
N LYS B 54 -3.02 -11.40 -26.71
CA LYS B 54 -3.78 -12.63 -26.62
C LYS B 54 -4.98 -12.69 -27.59
N THR B 55 -5.74 -11.61 -27.67
CA THR B 55 -6.92 -11.57 -28.54
C THR B 55 -7.21 -10.18 -29.13
N GLU B 56 -6.77 -9.86 -30.34
CA GLU B 56 -5.85 -10.62 -31.21
C GLU B 56 -6.13 -12.11 -31.46
N THR B 57 -5.08 -12.92 -31.31
CA THR B 57 -5.17 -14.38 -31.43
C THR B 57 -4.05 -15.06 -30.64
N LEU C 2 21.92 17.62 -4.30
CA LEU C 2 20.84 18.61 -4.20
C LEU C 2 19.49 17.89 -4.01
N ALA C 3 18.41 18.67 -3.90
CA ALA C 3 17.06 18.11 -3.92
C ALA C 3 16.67 17.73 -5.35
N VAL C 4 15.87 16.67 -5.46
CA VAL C 4 15.44 16.16 -6.74
C VAL C 4 13.93 16.28 -6.86
N GLY C 5 13.47 16.87 -7.96
CA GLY C 5 12.05 16.94 -8.22
C GLY C 5 11.66 15.94 -9.28
N PRO C 6 10.35 15.74 -9.47
CA PRO C 6 9.81 14.84 -10.48
C PRO C 6 10.23 15.23 -11.90
N PRO C 7 10.43 14.25 -12.78
CA PRO C 7 10.90 14.45 -14.16
C PRO C 7 10.02 15.40 -14.98
N SER C 8 8.82 15.66 -14.47
CA SER C 8 7.92 16.66 -15.05
C SER C 8 6.97 17.09 -13.97
N LEU C 9 6.21 18.14 -14.25
CA LEU C 9 5.24 18.65 -13.29
C LEU C 9 3.96 17.81 -13.38
N ASN C 10 3.70 17.29 -14.57
CA ASN C 10 2.58 16.39 -14.81
C ASN C 10 3.05 14.96 -15.06
N TYR C 11 2.28 13.99 -14.61
CA TYR C 11 2.69 12.60 -14.76
C TYR C 11 2.69 12.20 -16.23
N ILE C 12 3.83 11.71 -16.67
CA ILE C 12 3.95 11.19 -18.02
C ILE C 12 4.29 9.72 -17.93
N PRO C 13 3.40 8.87 -18.44
CA PRO C 13 3.59 7.42 -18.42
C PRO C 13 4.81 7.01 -19.23
N PRO C 14 5.49 5.93 -18.84
CA PRO C 14 6.63 5.39 -19.59
C PRO C 14 6.20 4.91 -20.98
N ALA D 2 -45.02 -3.12 4.55
CA ALA D 2 -46.17 -3.24 3.66
C ALA D 2 -45.84 -4.13 2.46
N MET D 3 -46.88 -4.65 1.82
CA MET D 3 -46.72 -5.51 0.65
C MET D 3 -46.43 -4.70 -0.61
N GLY D 4 -46.90 -3.46 -0.63
CA GLY D 4 -46.63 -2.56 -1.73
C GLY D 4 -45.17 -2.14 -1.71
N SER D 5 -44.64 -2.05 -0.50
CA SER D 5 -43.22 -1.77 -0.29
C SER D 5 -42.36 -2.88 -0.88
N PHE D 6 -42.78 -4.12 -0.64
CA PHE D 6 -42.11 -5.29 -1.21
C PHE D 6 -42.16 -5.24 -2.73
N ASN D 7 -43.30 -4.81 -3.26
CA ASN D 7 -43.48 -4.73 -4.69
C ASN D 7 -42.59 -3.68 -5.34
N SER D 8 -42.54 -2.49 -4.73
CA SER D 8 -41.66 -1.44 -5.22
C SER D 8 -40.18 -1.80 -5.07
N SER D 9 -39.87 -2.58 -4.04
CA SER D 9 -38.50 -3.05 -3.82
C SER D 9 -38.09 -4.00 -4.93
N ILE D 10 -39.03 -4.83 -5.38
CA ILE D 10 -38.76 -5.76 -6.45
C ILE D 10 -38.50 -5.03 -7.76
N ASN D 11 -39.33 -4.03 -8.05
CA ASN D 11 -39.18 -3.28 -9.29
C ASN D 11 -37.83 -2.59 -9.33
N ASN D 12 -37.42 -2.10 -8.16
CA ASN D 12 -36.15 -1.41 -8.01
C ASN D 12 -34.94 -2.29 -8.31
N ILE D 13 -35.00 -3.55 -7.89
CA ILE D 13 -33.95 -4.53 -8.18
C ILE D 13 -33.83 -4.76 -9.68
N HIS D 14 -34.96 -4.71 -10.39
CA HIS D 14 -34.95 -4.84 -11.85
C HIS D 14 -34.12 -3.74 -12.49
N GLU D 15 -34.24 -2.54 -11.95
CA GLU D 15 -33.53 -1.37 -12.44
C GLU D 15 -32.04 -1.51 -12.11
N MET D 16 -31.74 -2.15 -10.99
CA MET D 16 -30.36 -2.39 -10.61
C MET D 16 -29.69 -3.29 -11.62
N GLU D 17 -30.44 -4.26 -12.14
CA GLU D 17 -29.92 -5.18 -13.13
C GLU D 17 -29.66 -4.43 -14.43
N ILE D 18 -30.57 -3.54 -14.80
CA ILE D 18 -30.41 -2.75 -16.01
C ILE D 18 -29.21 -1.80 -15.92
N GLN D 19 -28.98 -1.22 -14.74
CA GLN D 19 -27.83 -0.37 -14.52
C GLN D 19 -26.52 -1.15 -14.62
N LEU D 20 -26.52 -2.37 -14.10
CA LEU D 20 -25.36 -3.24 -14.17
C LEU D 20 -25.06 -3.60 -15.63
N LYS D 21 -26.11 -3.90 -16.39
CA LYS D 21 -25.94 -4.24 -17.80
C LYS D 21 -25.33 -3.09 -18.58
N ASP D 22 -25.80 -1.90 -18.27
CA ASP D 22 -25.40 -0.68 -18.95
C ASP D 22 -23.97 -0.30 -18.57
N ALA D 23 -23.66 -0.39 -17.28
CA ALA D 23 -22.34 -0.04 -16.77
C ALA D 23 -21.25 -0.95 -17.36
N LEU D 24 -21.56 -2.25 -17.45
CA LEU D 24 -20.61 -3.22 -18.00
C LEU D 24 -20.35 -2.98 -19.46
N GLU D 25 -21.41 -2.63 -20.18
CA GLU D 25 -21.31 -2.33 -21.60
C GLU D 25 -20.45 -1.10 -21.83
N LYS D 26 -20.69 -0.06 -21.04
CA LYS D 26 -19.91 1.17 -21.14
C LYS D 26 -18.42 0.98 -20.81
N ASN D 27 -18.11 0.17 -19.79
CA ASN D 27 -16.73 -0.10 -19.45
C ASN D 27 -16.03 -0.84 -20.59
N GLN D 28 -16.78 -1.70 -21.27
CA GLN D 28 -16.27 -2.41 -22.43
C GLN D 28 -16.00 -1.41 -23.57
N GLN D 29 -16.87 -0.43 -23.72
CA GLN D 29 -16.71 0.59 -24.76
C GLN D 29 -15.49 1.48 -24.50
N TRP D 30 -15.24 1.79 -23.23
CA TRP D 30 -14.05 2.53 -22.85
C TRP D 30 -12.77 1.80 -23.26
N LEU D 31 -12.77 0.47 -23.11
CA LEU D 31 -11.62 -0.32 -23.51
C LEU D 31 -11.28 -0.08 -24.97
N VAL D 32 -12.27 -0.26 -25.85
CA VAL D 32 -12.08 -0.10 -27.30
C VAL D 32 -11.62 1.31 -27.67
N TYR D 33 -12.31 2.29 -27.09
CA TYR D 33 -12.03 3.69 -27.26
C TYR D 33 -10.59 4.01 -26.85
N ASP D 34 -10.16 3.50 -25.70
CA ASP D 34 -8.85 3.84 -25.17
C ASP D 34 -7.75 3.18 -25.98
N GLN D 35 -8.02 2.01 -26.54
CA GLN D 35 -7.08 1.30 -27.39
C GLN D 35 -6.81 2.07 -28.69
N GLN D 36 -7.86 2.67 -29.24
CA GLN D 36 -7.71 3.50 -30.41
C GLN D 36 -6.93 4.79 -30.10
N ARG D 37 -7.14 5.35 -28.91
CA ARG D 37 -6.40 6.54 -28.52
C ARG D 37 -4.91 6.23 -28.38
N GLU D 38 -4.60 5.04 -27.88
CA GLU D 38 -3.21 4.59 -27.74
C GLU D 38 -2.52 4.54 -29.11
N VAL D 39 -3.23 4.04 -30.12
CA VAL D 39 -2.74 4.02 -31.48
C VAL D 39 -2.36 5.44 -31.93
N TYR D 40 -3.17 6.42 -31.52
CA TYR D 40 -2.96 7.81 -31.90
C TYR D 40 -1.82 8.40 -31.11
N VAL D 41 -1.84 8.18 -29.80
CA VAL D 41 -0.74 8.59 -28.93
C VAL D 41 0.63 8.05 -29.41
N LYS D 42 0.70 6.77 -29.75
CA LYS D 42 1.94 6.19 -30.28
C LYS D 42 2.35 6.86 -31.60
N GLY D 43 1.36 7.25 -32.41
CA GLY D 43 1.63 8.00 -33.61
C GLY D 43 2.26 9.35 -33.28
N LEU D 44 1.64 10.11 -32.38
CA LEU D 44 2.19 11.40 -31.97
C LEU D 44 3.60 11.31 -31.35
N LEU D 45 3.88 10.26 -30.59
CA LEU D 45 5.17 10.14 -29.91
C LEU D 45 6.28 9.84 -30.92
N ALA D 46 5.94 9.08 -31.96
CA ALA D 46 6.84 8.80 -33.06
C ALA D 46 7.10 10.06 -33.90
N LYS D 47 6.08 10.90 -34.04
CA LYS D 47 6.19 12.16 -34.75
C LYS D 47 7.15 13.09 -34.01
N ILE D 48 6.96 13.17 -32.70
CA ILE D 48 7.81 13.98 -31.83
C ILE D 48 9.26 13.50 -31.90
N PHE D 49 9.42 12.19 -31.93
CA PHE D 49 10.74 11.58 -31.99
C PHE D 49 11.51 12.03 -33.24
N GLU D 50 10.85 11.97 -34.40
CA GLU D 50 11.45 12.39 -35.66
C GLU D 50 11.74 13.90 -35.68
N LEU D 51 10.87 14.67 -35.03
CA LEU D 51 11.02 16.11 -34.95
C LEU D 51 12.19 16.50 -34.07
N GLU D 52 12.38 15.74 -32.99
CA GLU D 52 13.49 16.00 -32.09
C GLU D 52 14.83 15.65 -32.75
N LYS D 53 14.81 14.73 -33.71
CA LYS D 53 16.01 14.35 -34.42
C LYS D 53 16.56 15.49 -35.28
N LYS D 54 15.73 16.50 -35.54
CA LYS D 54 16.18 17.69 -36.23
C LYS D 54 16.71 18.72 -35.22
N THR D 55 17.60 18.22 -34.36
CA THR D 55 18.33 18.98 -33.34
C THR D 55 19.11 17.99 -32.50
N GLY E 4 -33.69 -22.04 -7.91
CA GLY E 4 -33.85 -22.98 -6.80
C GLY E 4 -34.39 -22.33 -5.54
N SER E 5 -33.61 -22.39 -4.46
CA SER E 5 -34.01 -21.83 -3.17
C SER E 5 -34.08 -20.30 -3.17
N PHE E 6 -35.02 -19.76 -2.40
CA PHE E 6 -35.22 -18.32 -2.31
C PHE E 6 -34.03 -17.58 -1.69
N ASN E 7 -33.54 -18.10 -0.59
CA ASN E 7 -32.39 -17.52 0.09
C ASN E 7 -31.17 -17.50 -0.82
N SER E 8 -31.06 -18.51 -1.69
CA SER E 8 -29.96 -18.59 -2.63
C SER E 8 -30.10 -17.55 -3.73
N SER E 9 -31.34 -17.22 -4.09
CA SER E 9 -31.60 -16.19 -5.08
C SER E 9 -31.29 -14.80 -4.52
N ILE E 10 -31.51 -14.62 -3.23
CA ILE E 10 -31.28 -13.33 -2.58
C ILE E 10 -29.79 -13.01 -2.48
N ASN E 11 -28.99 -14.02 -2.17
CA ASN E 11 -27.54 -13.87 -2.16
C ASN E 11 -27.03 -13.44 -3.53
N ASN E 12 -27.63 -13.98 -4.58
CA ASN E 12 -27.24 -13.61 -5.94
C ASN E 12 -27.51 -12.14 -6.23
N ILE E 13 -28.56 -11.59 -5.61
CA ILE E 13 -28.89 -10.18 -5.78
C ILE E 13 -27.92 -9.33 -4.98
N HIS E 14 -27.50 -9.85 -3.83
CA HIS E 14 -26.43 -9.23 -3.07
C HIS E 14 -25.19 -9.14 -3.93
N GLU E 15 -24.91 -10.23 -4.66
CA GLU E 15 -23.77 -10.29 -5.56
C GLU E 15 -23.92 -9.34 -6.74
N MET E 16 -25.16 -9.18 -7.23
CA MET E 16 -25.44 -8.24 -8.30
C MET E 16 -25.12 -6.83 -7.85
N GLU E 17 -25.45 -6.53 -6.60
CA GLU E 17 -25.20 -5.22 -6.03
C GLU E 17 -23.70 -4.98 -5.92
N ILE E 18 -22.96 -6.03 -5.57
CA ILE E 18 -21.51 -5.93 -5.45
C ILE E 18 -20.89 -5.63 -6.81
N GLN E 19 -21.40 -6.29 -7.84
CA GLN E 19 -20.84 -6.18 -9.17
C GLN E 19 -21.12 -4.82 -9.76
N LEU E 20 -22.22 -4.21 -9.33
CA LEU E 20 -22.61 -2.90 -9.80
C LEU E 20 -21.72 -1.82 -9.18
N LYS E 21 -21.51 -1.89 -7.88
CA LYS E 21 -20.65 -0.96 -7.16
C LYS E 21 -19.24 -0.99 -7.74
N ASP E 22 -18.80 -2.19 -8.11
CA ASP E 22 -17.47 -2.37 -8.67
C ASP E 22 -17.40 -1.84 -10.10
N ALA E 23 -18.45 -2.10 -10.88
CA ALA E 23 -18.54 -1.56 -12.23
C ALA E 23 -18.61 -0.04 -12.23
N LEU E 24 -19.34 0.52 -11.26
CA LEU E 24 -19.47 1.98 -11.16
C LEU E 24 -18.18 2.61 -10.66
N GLU E 25 -17.46 1.89 -9.79
CA GLU E 25 -16.16 2.35 -9.34
C GLU E 25 -15.17 2.40 -10.50
N LYS E 26 -15.13 1.34 -11.30
CA LYS E 26 -14.25 1.31 -12.45
C LYS E 26 -14.66 2.31 -13.52
N ASN E 27 -15.97 2.50 -13.68
CA ASN E 27 -16.46 3.46 -14.66
C ASN E 27 -15.94 4.85 -14.34
N GLN E 28 -16.01 5.21 -13.06
CA GLN E 28 -15.55 6.50 -12.58
C GLN E 28 -14.05 6.65 -12.78
N GLN E 29 -13.31 5.59 -12.49
CA GLN E 29 -11.90 5.56 -12.75
C GLN E 29 -11.57 5.70 -14.24
N TRP E 30 -12.44 5.17 -15.11
CA TRP E 30 -12.28 5.40 -16.55
C TRP E 30 -12.35 6.89 -16.88
N LEU E 31 -13.31 7.57 -16.26
CA LEU E 31 -13.60 8.96 -16.59
C LEU E 31 -12.49 9.90 -16.15
N VAL E 32 -11.97 9.68 -14.95
CA VAL E 32 -10.87 10.50 -14.43
C VAL E 32 -9.60 10.25 -15.23
N TYR E 33 -9.40 9.00 -15.64
CA TYR E 33 -8.25 8.60 -16.44
C TYR E 33 -8.31 9.21 -17.83
N ASP E 34 -9.48 9.11 -18.45
CA ASP E 34 -9.75 9.70 -19.75
C ASP E 34 -9.46 11.20 -19.76
N GLN E 35 -9.84 11.87 -18.69
CA GLN E 35 -9.65 13.29 -18.59
C GLN E 35 -8.15 13.57 -18.64
N GLN E 36 -7.37 12.78 -17.90
CA GLN E 36 -5.92 12.91 -17.91
C GLN E 36 -5.31 12.57 -19.26
N ARG E 37 -5.86 11.56 -19.94
CA ARG E 37 -5.29 11.14 -21.21
C ARG E 37 -5.47 12.23 -22.25
N GLU E 38 -6.62 12.88 -22.22
CA GLU E 38 -6.90 13.96 -23.16
C GLU E 38 -5.94 15.15 -22.95
N VAL E 39 -5.70 15.51 -21.71
CA VAL E 39 -4.73 16.56 -21.38
C VAL E 39 -3.36 16.17 -21.92
N TYR E 40 -3.06 14.87 -21.87
CA TYR E 40 -1.77 14.39 -22.33
C TYR E 40 -1.67 14.49 -23.84
N VAL E 41 -2.74 14.10 -24.53
CA VAL E 41 -2.82 14.22 -25.98
C VAL E 41 -2.70 15.68 -26.44
N LYS E 42 -3.44 16.59 -25.80
CA LYS E 42 -3.33 18.02 -26.10
C LYS E 42 -1.90 18.52 -25.83
N GLY E 43 -1.28 18.01 -24.79
CA GLY E 43 0.10 18.33 -24.49
C GLY E 43 1.05 17.88 -25.60
N LEU E 44 0.85 16.67 -26.12
CA LEU E 44 1.69 16.15 -27.20
C LEU E 44 1.50 16.94 -28.48
N LEU E 45 0.28 17.43 -28.70
CA LEU E 45 0.01 18.25 -29.86
C LEU E 45 0.65 19.65 -29.76
N ALA E 46 0.71 20.18 -28.55
CA ALA E 46 1.33 21.48 -28.29
C ALA E 46 2.84 21.42 -28.47
N LYS E 47 3.43 20.29 -28.09
CA LYS E 47 4.85 20.10 -28.24
C LYS E 47 5.24 20.01 -29.70
N ILE E 48 4.48 19.24 -30.47
CA ILE E 48 4.68 19.12 -31.91
C ILE E 48 4.62 20.48 -32.56
N PHE E 49 3.66 21.30 -32.12
CA PHE E 49 3.53 22.67 -32.62
C PHE E 49 4.80 23.48 -32.33
N GLU E 50 5.27 23.46 -31.09
CA GLU E 50 6.49 24.18 -30.70
C GLU E 50 7.73 23.63 -31.40
N LEU E 51 7.74 22.32 -31.66
CA LEU E 51 8.85 21.70 -32.38
C LEU E 51 8.81 22.06 -33.86
N GLU E 52 7.63 22.42 -34.34
CA GLU E 52 7.47 22.71 -35.75
C GLU E 52 7.76 24.17 -36.10
N LYS E 53 7.74 25.04 -35.09
CA LYS E 53 8.17 26.42 -35.25
C LYS E 53 9.60 26.49 -35.79
N LYS E 54 10.39 25.47 -35.45
CA LYS E 54 11.73 25.26 -35.98
C LYS E 54 11.53 24.49 -37.28
N THR E 55 11.27 25.23 -38.34
CA THR E 55 10.78 24.69 -39.62
C THR E 55 11.55 23.48 -40.16
N LEU F 2 -25.75 5.40 -12.48
CA LEU F 2 -25.66 5.59 -13.93
C LEU F 2 -24.18 5.68 -14.31
N ALA F 3 -23.79 4.88 -15.29
CA ALA F 3 -22.41 4.90 -15.75
C ALA F 3 -22.31 5.78 -16.98
N VAL F 4 -21.08 6.18 -17.31
CA VAL F 4 -20.84 7.03 -18.46
C VAL F 4 -19.93 6.34 -19.48
N GLY F 5 -20.37 6.32 -20.72
CA GLY F 5 -19.58 5.77 -21.80
C GLY F 5 -18.63 6.81 -22.36
N PRO F 6 -17.75 6.39 -23.29
CA PRO F 6 -16.88 7.30 -24.02
C PRO F 6 -17.73 8.21 -24.93
N PRO F 7 -17.26 9.42 -25.25
CA PRO F 7 -18.01 10.42 -26.02
C PRO F 7 -18.27 9.99 -27.46
N SER F 8 -17.66 8.89 -27.88
CA SER F 8 -17.79 8.40 -29.25
C SER F 8 -17.45 6.90 -29.20
N LEU F 9 -17.90 6.13 -30.19
CA LEU F 9 -17.55 4.71 -30.23
C LEU F 9 -16.11 4.55 -30.65
N ASN F 10 -15.70 5.41 -31.57
CA ASN F 10 -14.33 5.43 -32.01
C ASN F 10 -13.60 6.69 -31.54
N TYR F 11 -12.29 6.58 -31.40
CA TYR F 11 -11.53 7.71 -30.89
C TYR F 11 -11.38 8.81 -31.94
N ILE F 12 -11.90 9.99 -31.62
CA ILE F 12 -11.67 11.18 -32.42
C ILE F 12 -10.79 12.10 -31.60
N PRO F 13 -9.58 12.37 -32.10
CA PRO F 13 -8.62 13.22 -31.40
C PRO F 13 -9.06 14.67 -31.36
N PRO F 14 -8.54 15.46 -30.39
CA PRO F 14 -8.80 16.89 -30.30
C PRO F 14 -8.04 17.71 -31.35
N ALA G 2 17.73 -52.83 13.12
CA ALA G 2 17.49 -52.55 11.72
C ALA G 2 16.01 -52.77 11.42
N MET G 3 15.16 -52.16 12.25
CA MET G 3 13.72 -52.21 12.07
C MET G 3 13.36 -51.32 10.89
N GLY G 4 12.18 -51.56 10.31
CA GLY G 4 11.66 -50.67 9.29
C GLY G 4 11.33 -49.33 9.90
N SER G 5 11.05 -49.33 11.20
CA SER G 5 10.81 -48.10 11.95
C SER G 5 12.03 -47.19 11.82
N PHE G 6 13.21 -47.75 12.03
CA PHE G 6 14.46 -47.01 11.89
C PHE G 6 14.56 -46.40 10.50
N ASN G 7 14.54 -47.28 9.49
CA ASN G 7 14.67 -46.88 8.08
C ASN G 7 13.74 -45.73 7.68
N SER G 8 12.47 -45.84 8.04
CA SER G 8 11.49 -44.83 7.69
C SER G 8 11.69 -43.56 8.50
N SER G 9 12.06 -43.71 9.77
CA SER G 9 12.31 -42.57 10.64
C SER G 9 13.39 -41.66 10.06
N ILE G 10 14.40 -42.27 9.43
CA ILE G 10 15.44 -41.45 8.85
C ILE G 10 14.97 -40.79 7.54
N ASN G 11 13.99 -41.40 6.89
CA ASN G 11 13.34 -40.75 5.76
C ASN G 11 12.55 -39.55 6.25
N ASN G 12 11.99 -39.68 7.44
CA ASN G 12 11.25 -38.59 8.04
C ASN G 12 12.13 -37.38 8.31
N ILE G 13 13.35 -37.63 8.80
CA ILE G 13 14.24 -36.51 9.13
C ILE G 13 14.88 -35.93 7.85
N HIS G 14 14.81 -36.67 6.75
CA HIS G 14 15.23 -36.15 5.45
C HIS G 14 14.25 -35.07 5.03
N GLU G 15 12.98 -35.34 5.28
CA GLU G 15 11.90 -34.44 4.95
C GLU G 15 11.93 -33.24 5.91
N MET G 16 12.45 -33.46 7.11
CA MET G 16 12.60 -32.39 8.08
C MET G 16 13.63 -31.38 7.58
N GLU G 17 14.70 -31.88 6.96
CA GLU G 17 15.72 -31.00 6.40
C GLU G 17 15.12 -30.16 5.28
N ILE G 18 14.23 -30.78 4.52
CA ILE G 18 13.57 -30.14 3.40
C ILE G 18 12.64 -29.04 3.88
N GLN G 19 11.90 -29.31 4.96
CA GLN G 19 11.03 -28.32 5.57
C GLN G 19 11.81 -27.15 6.14
N LEU G 20 13.02 -27.42 6.63
CA LEU G 20 13.88 -26.37 7.17
C LEU G 20 14.35 -25.45 6.07
N LYS G 21 14.82 -26.04 4.97
CA LYS G 21 15.30 -25.28 3.83
C LYS G 21 14.22 -24.34 3.33
N ASP G 22 13.00 -24.87 3.25
CA ASP G 22 11.88 -24.16 2.66
C ASP G 22 11.42 -23.03 3.57
N ALA G 23 11.37 -23.30 4.87
CA ALA G 23 10.93 -22.30 5.85
C ALA G 23 11.90 -21.14 5.90
N LEU G 24 13.19 -21.46 5.89
CA LEU G 24 14.24 -20.45 5.89
C LEU G 24 14.17 -19.59 4.65
N GLU G 25 13.87 -20.24 3.53
CA GLU G 25 13.78 -19.55 2.26
C GLU G 25 12.57 -18.64 2.24
N LYS G 26 11.44 -19.14 2.74
CA LYS G 26 10.23 -18.36 2.79
C LYS G 26 10.38 -17.15 3.72
N ASN G 27 11.02 -17.35 4.87
CA ASN G 27 11.20 -16.25 5.82
C ASN G 27 12.08 -15.16 5.26
N GLN G 28 13.08 -15.57 4.47
CA GLN G 28 13.99 -14.63 3.81
C GLN G 28 13.24 -13.86 2.73
N GLN G 29 12.26 -14.51 2.10
CA GLN G 29 11.41 -13.87 1.10
C GLN G 29 10.48 -12.84 1.74
N TRP G 30 10.10 -13.07 2.98
CA TRP G 30 9.22 -12.17 3.71
C TRP G 30 9.96 -10.88 4.00
N LEU G 31 11.24 -11.01 4.33
CA LEU G 31 12.07 -9.85 4.61
C LEU G 31 12.06 -8.89 3.44
N VAL G 32 12.49 -9.36 2.27
CA VAL G 32 12.52 -8.57 1.04
C VAL G 32 11.14 -7.96 0.73
N TYR G 33 10.12 -8.77 0.93
CA TYR G 33 8.73 -8.35 0.74
C TYR G 33 8.39 -7.19 1.67
N ASP G 34 8.69 -7.35 2.96
CA ASP G 34 8.39 -6.33 3.95
C ASP G 34 9.22 -5.06 3.74
N GLN G 35 10.47 -5.22 3.31
CA GLN G 35 11.33 -4.08 3.06
C GLN G 35 10.75 -3.18 1.95
N GLN G 36 10.13 -3.82 0.96
CA GLN G 36 9.57 -3.08 -0.17
C GLN G 36 8.29 -2.37 0.26
N ARG G 37 7.58 -2.95 1.21
CA ARG G 37 6.37 -2.32 1.72
C ARG G 37 6.69 -1.09 2.55
N GLU G 38 7.79 -1.14 3.30
CA GLU G 38 8.25 -0.02 4.09
C GLU G 38 8.62 1.16 3.17
N VAL G 39 9.18 0.84 2.01
CA VAL G 39 9.44 1.85 1.00
C VAL G 39 8.14 2.51 0.52
N TYR G 40 7.10 1.69 0.37
CA TYR G 40 5.80 2.18 -0.04
C TYR G 40 5.16 2.98 1.10
N VAL G 41 5.26 2.45 2.31
CA VAL G 41 4.73 3.10 3.50
C VAL G 41 5.40 4.46 3.74
N LYS G 42 6.72 4.50 3.62
CA LYS G 42 7.46 5.75 3.69
C LYS G 42 6.94 6.74 2.66
N GLY G 43 6.64 6.25 1.46
CA GLY G 43 6.08 7.07 0.41
C GLY G 43 4.73 7.69 0.76
N LEU G 44 3.80 6.87 1.26
CA LEU G 44 2.48 7.36 1.65
C LEU G 44 2.57 8.41 2.76
N LEU G 45 3.49 8.22 3.70
CA LEU G 45 3.64 9.14 4.82
C LEU G 45 4.15 10.49 4.34
N ALA G 46 5.06 10.48 3.36
CA ALA G 46 5.57 11.72 2.80
C ALA G 46 4.52 12.39 1.92
N LYS G 47 3.57 11.60 1.43
CA LYS G 47 2.50 12.12 0.59
C LYS G 47 1.47 12.77 1.50
N ILE G 48 1.14 12.09 2.57
CA ILE G 48 0.26 12.61 3.60
C ILE G 48 0.76 13.94 4.14
N PHE G 49 2.04 13.99 4.44
CA PHE G 49 2.66 15.18 4.95
C PHE G 49 2.40 16.38 4.03
N GLU G 50 2.76 16.22 2.75
CA GLU G 50 2.55 17.27 1.77
C GLU G 50 1.07 17.62 1.62
N LEU G 51 0.20 16.64 1.83
CA LEU G 51 -1.24 16.87 1.82
C LEU G 51 -1.67 17.70 3.03
N GLU G 52 -1.26 17.27 4.22
CA GLU G 52 -1.61 17.96 5.46
C GLU G 52 -1.10 19.40 5.46
N LYS G 53 0.06 19.62 4.83
CA LYS G 53 0.66 20.93 4.72
C LYS G 53 -0.15 21.84 3.79
N LYS G 54 -0.87 21.22 2.85
CA LYS G 54 -1.56 21.96 1.79
C LYS G 54 -2.79 22.72 2.28
N THR G 55 -3.26 22.39 3.47
CA THR G 55 -4.42 23.04 4.05
C THR G 55 -3.98 24.28 4.85
N GLU G 56 -4.49 25.45 4.48
CA GLU G 56 -5.49 25.56 3.41
C GLU G 56 -5.05 26.51 2.31
N SER H 5 31.29 -39.20 14.43
CA SER H 5 30.50 -39.65 15.57
C SER H 5 29.04 -39.74 15.19
N PHE H 6 28.32 -40.68 15.80
CA PHE H 6 26.88 -40.72 15.66
C PHE H 6 26.25 -39.88 16.74
N ASN H 7 26.87 -39.90 17.92
CA ASN H 7 26.42 -39.08 19.03
C ASN H 7 26.26 -37.61 18.65
N SER H 8 27.24 -37.08 17.92
CA SER H 8 27.23 -35.69 17.49
C SER H 8 26.32 -35.49 16.29
N SER H 9 26.31 -36.48 15.41
CA SER H 9 25.45 -36.45 14.24
C SER H 9 23.98 -36.43 14.69
N ILE H 10 23.70 -37.08 15.81
CA ILE H 10 22.34 -37.12 16.35
C ILE H 10 21.99 -35.79 17.03
N ASN H 11 22.95 -35.20 17.74
CA ASN H 11 22.76 -33.86 18.31
C ASN H 11 22.54 -32.83 17.22
N ASN H 12 23.21 -33.01 16.08
CA ASN H 12 23.00 -32.15 14.93
C ASN H 12 21.58 -32.22 14.41
N ILE H 13 20.97 -33.39 14.52
CA ILE H 13 19.58 -33.57 14.11
C ILE H 13 18.64 -32.92 15.11
N HIS H 14 19.02 -32.94 16.39
CA HIS H 14 18.29 -32.20 17.41
C HIS H 14 18.31 -30.70 17.11
N GLU H 15 19.49 -30.19 16.76
CA GLU H 15 19.68 -28.78 16.40
C GLU H 15 18.80 -28.40 15.23
N MET H 16 18.80 -29.25 14.20
CA MET H 16 17.94 -29.06 13.03
C MET H 16 16.48 -28.95 13.46
N GLU H 17 16.06 -29.79 14.41
CA GLU H 17 14.69 -29.73 14.92
C GLU H 17 14.42 -28.40 15.60
N ILE H 18 15.37 -27.95 16.40
CA ILE H 18 15.25 -26.67 17.12
C ILE H 18 15.16 -25.52 16.13
N GLN H 19 15.98 -25.55 15.11
CA GLN H 19 16.02 -24.50 14.10
C GLN H 19 14.75 -24.45 13.27
N LEU H 20 14.14 -25.60 13.06
CA LEU H 20 12.90 -25.68 12.31
C LEU H 20 11.72 -25.14 13.11
N LYS H 21 11.64 -25.51 14.39
CA LYS H 21 10.62 -24.98 15.29
C LYS H 21 10.69 -23.46 15.34
N ASP H 22 11.91 -22.94 15.36
CA ASP H 22 12.14 -21.51 15.42
C ASP H 22 11.79 -20.86 14.08
N ALA H 23 12.15 -21.51 12.98
CA ALA H 23 11.87 -21.00 11.65
C ALA H 23 10.37 -20.95 11.40
N LEU H 24 9.65 -21.95 11.90
CA LEU H 24 8.20 -22.00 11.75
C LEU H 24 7.52 -21.00 12.68
N GLU H 25 8.02 -20.88 13.90
CA GLU H 25 7.43 -19.95 14.87
C GLU H 25 7.46 -18.55 14.27
N LYS H 26 8.64 -18.15 13.80
CA LYS H 26 8.85 -16.86 13.16
C LYS H 26 8.00 -16.71 11.90
N ASN H 27 7.84 -17.81 11.16
CA ASN H 27 7.05 -17.80 9.93
C ASN H 27 5.64 -17.36 10.22
N GLN H 28 5.04 -17.90 11.27
CA GLN H 28 3.69 -17.56 11.68
C GLN H 28 3.61 -16.12 12.19
N GLN H 29 4.68 -15.68 12.81
CA GLN H 29 4.78 -14.31 13.28
C GLN H 29 4.83 -13.33 12.12
N TRP H 30 5.44 -13.73 11.00
CA TRP H 30 5.41 -12.94 9.76
C TRP H 30 3.98 -12.80 9.24
N LEU H 31 3.25 -13.90 9.26
CA LEU H 31 1.90 -13.95 8.73
C LEU H 31 1.00 -12.96 9.45
N VAL H 32 1.05 -12.97 10.78
CA VAL H 32 0.14 -12.16 11.58
C VAL H 32 0.57 -10.69 11.52
N TYR H 33 1.87 -10.47 11.48
CA TYR H 33 2.43 -9.15 11.30
C TYR H 33 2.03 -8.59 9.94
N ASP H 34 2.06 -9.45 8.93
CA ASP H 34 1.69 -9.06 7.58
C ASP H 34 0.24 -8.58 7.51
N GLN H 35 -0.66 -9.31 8.18
CA GLN H 35 -2.05 -8.91 8.23
C GLN H 35 -2.20 -7.51 8.82
N GLN H 36 -1.47 -7.24 9.90
CA GLN H 36 -1.59 -5.94 10.56
C GLN H 36 -0.98 -4.84 9.70
N ARG H 37 0.11 -5.13 9.01
CA ARG H 37 0.76 -4.13 8.17
C ARG H 37 -0.14 -3.69 7.01
N GLU H 38 -0.91 -4.64 6.48
CA GLU H 38 -1.82 -4.35 5.38
C GLU H 38 -3.00 -3.49 5.81
N VAL H 39 -3.50 -3.72 7.03
CA VAL H 39 -4.54 -2.88 7.60
C VAL H 39 -4.00 -1.46 7.77
N TYR H 40 -2.74 -1.35 8.14
CA TYR H 40 -2.08 -0.06 8.29
C TYR H 40 -1.91 0.64 6.93
N VAL H 41 -1.48 -0.10 5.92
CA VAL H 41 -1.32 0.44 4.57
C VAL H 41 -2.66 0.95 4.02
N LYS H 42 -3.72 0.13 4.14
CA LYS H 42 -5.03 0.56 3.68
C LYS H 42 -5.50 1.81 4.41
N GLY H 43 -5.21 1.87 5.71
CA GLY H 43 -5.59 3.00 6.54
C GLY H 43 -4.90 4.27 6.08
N LEU H 44 -3.66 4.15 5.61
CA LEU H 44 -2.93 5.30 5.09
C LEU H 44 -3.53 5.78 3.76
N LEU H 45 -3.96 4.82 2.94
CA LEU H 45 -4.61 5.16 1.68
C LEU H 45 -5.94 5.87 1.96
N ALA H 46 -6.67 5.38 2.95
CA ALA H 46 -7.96 5.95 3.34
C ALA H 46 -7.82 7.40 3.78
N LYS H 47 -6.76 7.68 4.53
CA LYS H 47 -6.50 9.03 5.01
C LYS H 47 -6.13 9.97 3.88
N ILE H 48 -5.32 9.47 2.94
CA ILE H 48 -4.97 10.22 1.76
C ILE H 48 -6.22 10.60 0.98
N PHE H 49 -7.16 9.66 0.91
CA PHE H 49 -8.43 9.89 0.25
C PHE H 49 -9.19 11.04 0.91
N GLU H 50 -9.24 11.03 2.24
CA GLU H 50 -9.94 12.07 3.00
C GLU H 50 -9.33 13.44 2.79
N LEU H 51 -8.00 13.50 2.86
CA LEU H 51 -7.29 14.76 2.67
C LEU H 51 -7.45 15.27 1.25
N GLU H 52 -7.53 14.35 0.29
CA GLU H 52 -7.73 14.74 -1.10
C GLU H 52 -9.12 15.33 -1.33
N LYS H 53 -10.07 14.91 -0.51
CA LYS H 53 -11.39 15.55 -0.48
C LYS H 53 -11.32 16.98 0.05
N LYS H 54 -10.13 17.40 0.48
CA LYS H 54 -9.92 18.69 1.15
C LYS H 54 -10.60 18.75 2.52
N LEU I 2 4.39 -26.54 5.33
CA LEU I 2 4.32 -26.12 6.73
C LEU I 2 4.52 -24.62 6.87
N ALA I 3 5.48 -24.10 6.12
CA ALA I 3 5.76 -22.69 6.11
C ALA I 3 5.03 -22.04 4.94
N VAL I 4 4.71 -20.76 5.11
CA VAL I 4 4.03 -20.00 4.07
C VAL I 4 4.88 -18.80 3.71
N GLY I 5 5.09 -18.59 2.41
CA GLY I 5 5.81 -17.43 1.92
C GLY I 5 4.85 -16.29 1.65
N PRO I 6 5.40 -15.11 1.32
CA PRO I 6 4.61 -13.93 0.93
C PRO I 6 3.80 -14.23 -0.34
N PRO I 7 2.70 -13.50 -0.60
CA PRO I 7 1.81 -13.68 -1.76
C PRO I 7 2.54 -13.45 -3.09
N SER I 8 3.58 -12.64 -3.06
CA SER I 8 4.45 -12.48 -4.22
C SER I 8 5.85 -12.17 -3.70
N LEU I 9 6.84 -12.12 -4.59
CA LEU I 9 8.19 -11.81 -4.19
C LEU I 9 8.42 -10.30 -4.07
N ASN I 10 7.66 -9.53 -4.86
CA ASN I 10 7.67 -8.08 -4.77
C ASN I 10 6.40 -7.59 -4.10
N TYR I 11 6.50 -6.48 -3.39
CA TYR I 11 5.34 -5.95 -2.72
C TYR I 11 4.40 -5.29 -3.73
N ILE I 12 3.13 -5.64 -3.66
CA ILE I 12 2.11 -4.98 -4.45
C ILE I 12 1.03 -4.50 -3.50
N PRO I 13 0.93 -3.17 -3.35
CA PRO I 13 0.00 -2.53 -2.41
C PRO I 13 -1.45 -2.83 -2.77
N PRO I 14 -2.37 -2.71 -1.80
CA PRO I 14 -3.81 -2.90 -2.07
C PRO I 14 -4.33 -1.76 -2.93
N HIS J 14 -22.67 12.26 41.45
CA HIS J 14 -22.43 10.83 41.69
C HIS J 14 -22.12 10.12 40.38
N GLU J 15 -21.45 10.83 39.49
CA GLU J 15 -21.02 10.25 38.23
C GLU J 15 -19.64 9.65 38.42
N MET J 16 -19.44 9.06 39.60
CA MET J 16 -18.27 8.22 39.86
C MET J 16 -18.45 6.97 39.02
N GLU J 17 -19.72 6.65 38.76
CA GLU J 17 -20.10 5.55 37.89
C GLU J 17 -19.65 5.85 36.46
N ILE J 18 -19.75 7.13 36.09
CA ILE J 18 -19.32 7.58 34.77
C ILE J 18 -17.82 7.35 34.59
N GLN J 19 -17.04 7.73 35.60
CA GLN J 19 -15.59 7.58 35.55
C GLN J 19 -15.16 6.11 35.59
N LEU J 20 -15.86 5.32 36.40
CA LEU J 20 -15.60 3.90 36.47
C LEU J 20 -15.90 3.26 35.12
N LYS J 21 -16.94 3.75 34.46
CA LYS J 21 -17.29 3.27 33.14
C LYS J 21 -16.20 3.66 32.13
N ASP J 22 -15.68 4.88 32.27
CA ASP J 22 -14.66 5.40 31.37
C ASP J 22 -13.32 4.69 31.58
N ALA J 23 -12.95 4.50 32.83
CA ALA J 23 -11.68 3.87 33.20
C ALA J 23 -11.64 2.42 32.74
N LEU J 24 -12.69 1.66 33.07
CA LEU J 24 -12.77 0.25 32.70
C LEU J 24 -12.78 0.05 31.20
N GLU J 25 -13.32 1.03 30.48
CA GLU J 25 -13.38 0.94 29.03
C GLU J 25 -12.01 1.22 28.42
N LYS J 26 -11.29 2.17 29.00
CA LYS J 26 -9.95 2.51 28.54
C LYS J 26 -8.96 1.38 28.78
N ASN J 27 -9.01 0.78 29.96
CA ASN J 27 -8.21 -0.40 30.28
C ASN J 27 -8.43 -1.51 29.27
N GLN J 28 -9.67 -1.65 28.83
CA GLN J 28 -10.04 -2.62 27.82
C GLN J 28 -9.47 -2.20 26.47
N GLN J 29 -9.42 -0.89 26.22
CA GLN J 29 -8.82 -0.38 25.01
C GLN J 29 -7.31 -0.62 24.99
N TRP J 30 -6.70 -0.56 26.18
CA TRP J 30 -5.27 -0.80 26.32
C TRP J 30 -4.89 -2.21 25.90
N LEU J 31 -5.72 -3.17 26.31
CA LEU J 31 -5.46 -4.55 25.99
C LEU J 31 -5.38 -4.76 24.48
N VAL J 32 -6.34 -4.22 23.75
CA VAL J 32 -6.40 -4.37 22.30
C VAL J 32 -5.22 -3.67 21.64
N TYR J 33 -4.92 -2.47 22.12
CA TYR J 33 -3.78 -1.70 21.66
C TYR J 33 -2.48 -2.46 21.87
N ASP J 34 -2.31 -3.00 23.08
CA ASP J 34 -1.08 -3.70 23.44
C ASP J 34 -0.94 -5.02 22.71
N GLN J 35 -2.06 -5.68 22.46
CA GLN J 35 -2.06 -6.95 21.74
C GLN J 35 -1.58 -6.75 20.32
N GLN J 36 -1.96 -5.62 19.72
CA GLN J 36 -1.50 -5.31 18.37
C GLN J 36 -0.03 -4.94 18.36
N ARG J 37 0.45 -4.34 19.45
CA ARG J 37 1.87 -4.00 19.55
C ARG J 37 2.72 -5.26 19.64
N GLU J 38 2.24 -6.25 20.39
CA GLU J 38 2.95 -7.52 20.51
C GLU J 38 3.05 -8.20 19.14
N VAL J 39 1.97 -8.13 18.37
CA VAL J 39 2.00 -8.66 17.02
C VAL J 39 3.06 -7.95 16.18
N TYR J 40 3.10 -6.63 16.30
CA TYR J 40 4.03 -5.83 15.53
C TYR J 40 5.44 -6.12 15.99
N VAL J 41 5.61 -6.33 17.29
CA VAL J 41 6.93 -6.55 17.85
C VAL J 41 7.51 -7.90 17.44
N LYS J 42 6.67 -8.92 17.37
CA LYS J 42 7.13 -10.24 16.98
C LYS J 42 7.52 -10.22 15.52
N GLY J 43 6.86 -9.35 14.76
CA GLY J 43 7.20 -9.17 13.37
C GLY J 43 8.58 -8.58 13.25
N LEU J 44 8.84 -7.49 14.01
CA LEU J 44 10.17 -6.87 14.03
C LEU J 44 11.28 -7.84 14.44
N LEU J 45 10.99 -8.71 15.39
CA LEU J 45 12.00 -9.68 15.85
C LEU J 45 12.32 -10.66 14.73
N ALA J 46 11.29 -11.09 14.02
CA ALA J 46 11.47 -11.99 12.89
C ALA J 46 12.26 -11.29 11.79
N LYS J 47 12.02 -9.99 11.65
CA LYS J 47 12.72 -9.19 10.65
C LYS J 47 14.20 -9.01 11.00
N ILE J 48 14.47 -8.69 12.25
CA ILE J 48 15.84 -8.55 12.73
C ILE J 48 16.61 -9.85 12.52
N PHE J 49 15.94 -10.96 12.81
CA PHE J 49 16.53 -12.28 12.62
C PHE J 49 17.00 -12.46 11.17
N GLU J 50 16.13 -12.16 10.21
CA GLU J 50 16.47 -12.33 8.80
C GLU J 50 17.56 -11.39 8.34
N LEU J 51 17.57 -10.18 8.88
CA LEU J 51 18.62 -9.22 8.58
C LEU J 51 19.96 -9.66 9.14
N GLU J 52 19.95 -10.32 10.30
CA GLU J 52 21.16 -10.83 10.90
C GLU J 52 21.67 -12.03 10.11
N LYS J 53 20.73 -12.82 9.61
CA LYS J 53 21.03 -13.98 8.78
C LYS J 53 21.61 -13.49 7.45
N LYS J 54 21.00 -12.44 6.92
CA LYS J 54 21.37 -11.88 5.61
C LYS J 54 22.75 -11.24 5.64
N THR J 55 23.15 -10.72 6.80
CA THR J 55 24.49 -10.16 6.92
C THR J 55 25.49 -11.27 6.66
N GLU J 56 25.91 -11.36 5.40
CA GLU J 56 26.76 -12.46 4.93
C GLU J 56 28.23 -12.09 4.97
N THR J 57 29.03 -13.02 5.47
CA THR J 57 30.48 -12.84 5.52
C THR J 57 31.18 -13.85 4.63
N ASN K 12 -23.98 -4.53 48.10
CA ASN K 12 -23.80 -3.24 48.79
C ASN K 12 -23.26 -2.19 47.77
N ILE K 13 -23.51 -0.91 48.02
CA ILE K 13 -23.58 0.00 46.90
C ILE K 13 -22.42 0.96 46.75
N HIS K 14 -22.04 1.65 47.83
CA HIS K 14 -21.00 2.66 47.71
C HIS K 14 -19.60 2.16 48.04
N GLU K 15 -19.31 0.91 47.70
CA GLU K 15 -17.91 0.50 47.59
C GLU K 15 -17.58 0.42 46.10
N MET K 16 -18.08 1.42 45.38
CA MET K 16 -17.76 1.61 43.99
C MET K 16 -16.47 2.43 43.93
N GLU K 17 -16.17 3.12 45.03
CA GLU K 17 -14.93 3.87 45.14
C GLU K 17 -13.77 2.90 45.10
N ILE K 18 -13.98 1.71 45.67
CA ILE K 18 -12.98 0.65 45.61
C ILE K 18 -12.72 0.19 44.17
N GLN K 19 -13.80 -0.11 43.44
CA GLN K 19 -13.72 -0.52 42.06
C GLN K 19 -12.99 0.53 41.23
N LEU K 20 -13.31 1.80 41.46
CA LEU K 20 -12.70 2.90 40.71
C LEU K 20 -11.21 3.07 41.01
N LYS K 21 -10.81 2.83 42.27
CA LYS K 21 -9.42 2.94 42.66
C LYS K 21 -8.63 1.82 42.01
N ASP K 22 -9.25 0.65 41.92
CA ASP K 22 -8.62 -0.50 41.32
C ASP K 22 -8.42 -0.27 39.83
N ALA K 23 -9.45 0.24 39.15
CA ALA K 23 -9.40 0.51 37.72
C ALA K 23 -8.35 1.56 37.45
N LEU K 24 -8.35 2.61 38.26
CA LEU K 24 -7.45 3.73 38.05
C LEU K 24 -6.01 3.34 38.30
N GLU K 25 -5.82 2.41 39.24
CA GLU K 25 -4.50 1.91 39.55
C GLU K 25 -3.99 1.03 38.42
N LYS K 26 -4.90 0.23 37.85
CA LYS K 26 -4.59 -0.56 36.67
C LYS K 26 -4.22 0.36 35.52
N ASN K 27 -5.04 1.39 35.31
CA ASN K 27 -4.85 2.32 34.20
C ASN K 27 -3.46 2.95 34.25
N GLN K 28 -3.03 3.28 35.46
CA GLN K 28 -1.72 3.89 35.66
C GLN K 28 -0.61 2.91 35.36
N GLN K 29 -0.84 1.63 35.70
CA GLN K 29 0.12 0.58 35.39
C GLN K 29 0.30 0.38 33.88
N TRP K 30 -0.79 0.54 33.12
CA TRP K 30 -0.72 0.52 31.66
C TRP K 30 0.16 1.63 31.10
N LEU K 31 0.00 2.84 31.63
CA LEU K 31 0.70 3.99 31.12
C LEU K 31 2.22 3.83 31.26
N VAL K 32 2.66 3.34 32.40
CA VAL K 32 4.08 3.21 32.69
C VAL K 32 4.65 2.04 31.90
N TYR K 33 3.85 0.98 31.81
CA TYR K 33 4.13 -0.18 30.97
C TYR K 33 4.24 0.23 29.50
N ASP K 34 3.27 1.01 29.01
CA ASP K 34 3.28 1.49 27.64
C ASP K 34 4.54 2.29 27.31
N GLN K 35 4.94 3.14 28.25
CA GLN K 35 6.14 3.93 28.10
C GLN K 35 7.41 3.07 27.94
N GLN K 36 7.50 2.01 28.74
CA GLN K 36 8.59 1.04 28.60
C GLN K 36 8.51 0.29 27.28
N ARG K 37 7.30 -0.11 26.87
CA ARG K 37 7.14 -0.83 25.61
C ARG K 37 7.53 0.00 24.38
N GLU K 38 7.26 1.30 24.41
CA GLU K 38 7.55 2.17 23.26
C GLU K 38 9.05 2.38 23.05
N VAL K 39 9.80 2.49 24.16
CA VAL K 39 11.25 2.49 24.09
C VAL K 39 11.74 1.20 23.45
N TYR K 40 11.12 0.09 23.86
CA TYR K 40 11.47 -1.23 23.38
C TYR K 40 11.24 -1.28 21.87
N VAL K 41 10.04 -0.87 21.45
CA VAL K 41 9.71 -0.85 20.04
C VAL K 41 10.69 0.00 19.23
N LYS K 42 10.97 1.20 19.72
CA LYS K 42 11.90 2.11 19.06
C LYS K 42 13.31 1.54 19.01
N GLY K 43 13.66 0.77 20.03
CA GLY K 43 14.94 0.06 20.04
C GLY K 43 15.04 -0.93 18.90
N LEU K 44 13.98 -1.71 18.69
CA LEU K 44 13.96 -2.68 17.60
C LEU K 44 14.08 -1.99 16.24
N LEU K 45 13.41 -0.85 16.09
CA LEU K 45 13.43 -0.10 14.83
C LEU K 45 14.81 0.51 14.58
N ALA K 46 15.50 0.88 15.66
CA ALA K 46 16.87 1.36 15.56
C ALA K 46 17.80 0.24 15.10
N LYS K 47 17.58 -0.96 15.63
CA LYS K 47 18.37 -2.13 15.25
C LYS K 47 18.21 -2.45 13.76
N ILE K 48 16.97 -2.38 13.28
CA ILE K 48 16.66 -2.68 11.88
C ILE K 48 17.34 -1.68 10.98
N PHE K 49 17.36 -0.43 11.43
CA PHE K 49 18.01 0.65 10.70
C PHE K 49 19.51 0.42 10.55
N GLU K 50 20.16 0.04 11.64
CA GLU K 50 21.59 -0.23 11.68
C GLU K 50 21.96 -1.40 10.78
N LEU K 51 21.14 -2.45 10.82
CA LEU K 51 21.31 -3.63 10.00
C LEU K 51 21.05 -3.37 8.53
N GLU K 52 20.03 -2.57 8.23
CA GLU K 52 19.65 -2.32 6.85
C GLU K 52 20.70 -1.57 6.03
N LYS K 53 21.52 -0.76 6.69
CA LYS K 53 22.64 -0.12 6.02
C LYS K 53 23.84 -1.07 5.92
N LYS K 54 23.64 -2.31 6.37
CA LYS K 54 24.66 -3.35 6.38
C LYS K 54 25.83 -3.01 7.30
N LEU L 2 -8.65 11.75 36.12
CA LEU L 2 -9.36 10.80 35.28
C LEU L 2 -8.41 9.79 34.64
N ALA L 3 -8.98 8.72 34.09
CA ALA L 3 -8.18 7.68 33.45
C ALA L 3 -7.74 8.08 32.04
N VAL L 4 -6.72 7.40 31.54
CA VAL L 4 -6.23 7.65 30.20
C VAL L 4 -6.23 6.36 29.39
N GLY L 5 -6.60 6.46 28.13
CA GLY L 5 -6.60 5.32 27.22
C GLY L 5 -5.47 5.47 26.23
N PRO L 6 -5.32 4.48 25.34
CA PRO L 6 -4.28 4.49 24.30
C PRO L 6 -4.43 5.72 23.40
N PRO L 7 -3.34 6.17 22.78
CA PRO L 7 -3.42 7.31 21.86
C PRO L 7 -4.22 6.97 20.60
N SER L 8 -4.55 5.69 20.43
CA SER L 8 -5.34 5.24 19.30
C SER L 8 -5.95 3.89 19.62
N LEU L 9 -7.02 3.53 18.93
CA LEU L 9 -7.66 2.25 19.17
C LEU L 9 -6.78 1.14 18.59
N ASN L 10 -6.17 1.42 17.44
CA ASN L 10 -5.23 0.50 16.82
C ASN L 10 -3.81 0.92 17.09
N TYR L 11 -2.91 -0.05 17.05
CA TYR L 11 -1.53 0.29 17.32
C TYR L 11 -0.91 0.93 16.10
N ILE L 12 -0.33 2.12 16.29
CA ILE L 12 0.43 2.72 15.21
C ILE L 12 1.89 2.77 15.62
N PRO L 13 2.76 2.13 14.83
CA PRO L 13 4.19 2.20 15.10
C PRO L 13 4.71 3.63 15.01
N PRO L 14 5.71 3.96 15.84
CA PRO L 14 6.37 5.27 15.87
C PRO L 14 7.23 5.50 14.62
C1 GOL M . -1.55 0.59 -5.35
O1 GOL M . -0.79 0.15 -6.47
C2 GOL M . -1.92 2.07 -5.50
O2 GOL M . -2.15 2.39 -6.84
C3 GOL M . -3.23 2.37 -4.78
O3 GOL M . -3.26 1.72 -3.55
C1 GOL N . -4.77 17.19 -34.51
O1 GOL N . -5.25 18.16 -33.60
C2 GOL N . -5.92 16.89 -35.46
O2 GOL N . -5.55 17.10 -36.81
C3 GOL N . -6.43 15.48 -35.18
O3 GOL N . -7.71 15.33 -35.74
#